data_5WRI
#
_entry.id   5WRI
#
_cell.length_a   78.576
_cell.length_b   155.972
_cell.length_c   48.892
_cell.angle_alpha   90.00
_cell.angle_beta   90.00
_cell.angle_gamma   90.00
#
_symmetry.space_group_name_H-M   'P 21 21 2'
#
loop_
_entity.id
_entity.type
_entity.pdbx_description
1 polymer 'Protein-tyrosine sulfotransferase 1'
2 polymer ASP-PHE-GLU-ASP-TYR-GLU-PHE-ASP
3 non-polymer "ADENOSINE-3'-5'-DIPHOSPHATE"
4 non-polymer 'MAGNESIUM ION'
5 non-polymer GLYCEROL
6 non-polymer 'ZINC ION'
7 water water
#
loop_
_entity_poly.entity_id
_entity_poly.type
_entity_poly.pdbx_seq_one_letter_code
_entity_poly.pdbx_strand_id
1 'polypeptide(L)'
;MGSSHHHHHHSSGLVPRGSHMKLESTRTTVRTGLDLKANKTFAYHKDMPLIFIGGVPRSGTTLMRAMLDAHPDIRCGEET
RVIPRILALKQMWSRSSKEKIRLDEAGVTDEVLDSAMQAFLLEIIVKHGEPAPYLCNKDPFALKSLTYLSRLFPNAKFLL
MVRDGRASVHSMISRKVTIAGFDLNSYRDCLTKWNRAIETMYNQCMEVGYKKCMLVHYEQLVLHPERWMRTLLKFLQIPW
NHSVLHHEEMIGKAGGVSLSKVERSTDQVIKPVNVGALSKWVGKIPPDVLQDMAVIAPMLAKLGYDPYANPPNYGKPDPK
;
A,B
2 'polypeptide(L)' DFEDYEFD D,E
#
loop_
_chem_comp.id
_chem_comp.type
_chem_comp.name
_chem_comp.formula
A3P RNA linking ADENOSINE-3'-5'-DIPHOSPHATE 'C10 H15 N5 O10 P2'
GOL non-polymer GLYCEROL 'C3 H8 O3'
MG non-polymer 'MAGNESIUM ION' 'Mg 2'
ZN non-polymer 'ZINC ION' 'Zn 2'
#
# COMPACT_ATOMS: atom_id res chain seq x y z
N TYR A 44 5.90 -17.84 13.44
CA TYR A 44 4.80 -17.36 12.57
C TYR A 44 5.06 -17.63 11.08
N HIS A 45 3.98 -17.98 10.38
CA HIS A 45 4.05 -18.30 8.95
CA HIS A 45 4.05 -18.33 8.96
C HIS A 45 2.63 -18.28 8.39
N LYS A 46 2.53 -18.34 7.06
CA LYS A 46 1.23 -18.18 6.40
C LYS A 46 0.22 -19.31 6.62
N ASP A 47 0.69 -20.44 7.15
CA ASP A 47 -0.19 -21.54 7.65
C ASP A 47 -0.64 -21.45 9.12
N MET A 48 -0.22 -20.42 9.86
CA MET A 48 -0.65 -20.27 11.25
C MET A 48 -2.15 -19.95 11.32
N PRO A 49 -2.81 -20.38 12.40
CA PRO A 49 -4.21 -20.01 12.53
C PRO A 49 -4.32 -18.51 12.74
N LEU A 50 -5.25 -17.90 12.02
CA LEU A 50 -5.49 -16.46 12.13
C LEU A 50 -6.99 -16.24 12.19
N ILE A 51 -7.39 -15.18 12.88
CA ILE A 51 -8.79 -14.78 12.99
C ILE A 51 -8.89 -13.36 12.45
N PHE A 52 -9.76 -13.13 11.46
CA PHE A 52 -10.05 -11.77 10.98
C PHE A 52 -11.49 -11.41 11.30
N ILE A 53 -11.66 -10.31 12.05
CA ILE A 53 -12.97 -9.76 12.36
C ILE A 53 -13.18 -8.54 11.49
N GLY A 54 -14.39 -8.39 10.94
CA GLY A 54 -14.75 -7.14 10.32
C GLY A 54 -16.25 -6.95 10.16
N GLY A 55 -16.61 -6.04 9.27
CA GLY A 55 -17.98 -5.57 9.09
C GLY A 55 -17.95 -4.10 8.82
N VAL A 56 -19.12 -3.53 8.61
CA VAL A 56 -19.22 -2.09 8.49
C VAL A 56 -18.93 -1.50 9.88
N PRO A 57 -18.16 -0.40 9.96
CA PRO A 57 -18.01 0.22 11.27
C PRO A 57 -19.34 0.53 11.96
N ARG A 58 -19.30 0.57 13.29
CA ARG A 58 -20.49 0.75 14.14
C ARG A 58 -21.41 -0.47 14.13
N SER A 59 -20.80 -1.66 14.11
CA SER A 59 -21.54 -2.91 14.06
C SER A 59 -21.11 -3.92 15.16
N GLY A 60 -20.48 -3.43 16.22
CA GLY A 60 -20.03 -4.28 17.34
C GLY A 60 -18.70 -4.97 17.10
N THR A 61 -17.91 -4.47 16.16
CA THR A 61 -16.61 -5.07 15.85
C THR A 61 -15.60 -4.93 16.99
N THR A 62 -15.59 -3.78 17.65
CA THR A 62 -14.69 -3.59 18.78
C THR A 62 -15.09 -4.47 19.97
N LEU A 63 -16.38 -4.51 20.25
CA LEU A 63 -16.90 -5.44 21.28
C LEU A 63 -16.48 -6.87 20.98
N MET A 64 -16.66 -7.30 19.73
CA MET A 64 -16.30 -8.66 19.35
C MET A 64 -14.82 -8.95 19.62
N ARG A 65 -13.95 -8.05 19.17
CA ARG A 65 -12.52 -8.30 19.31
C ARG A 65 -12.09 -8.24 20.79
N ALA A 66 -12.80 -7.42 21.58
CA ALA A 66 -12.51 -7.26 23.02
C ALA A 66 -12.91 -8.53 23.75
N MET A 67 -14.06 -9.10 23.38
CA MET A 67 -14.51 -10.35 24.00
C MET A 67 -13.53 -11.49 23.70
N LEU A 68 -13.01 -11.52 22.47
CA LEU A 68 -11.94 -12.46 22.16
C LEU A 68 -10.62 -12.16 22.88
N ASP A 69 -10.23 -10.88 22.93
CA ASP A 69 -9.03 -10.47 23.66
C ASP A 69 -9.09 -10.87 25.15
N ALA A 70 -10.29 -10.96 25.70
CA ALA A 70 -10.47 -11.41 27.09
C ALA A 70 -10.09 -12.89 27.33
N HIS A 71 -10.04 -13.68 26.26
N HIS A 71 -10.03 -13.67 26.26
CA HIS A 71 -9.57 -15.06 26.30
CA HIS A 71 -9.58 -15.04 26.31
C HIS A 71 -8.06 -15.05 26.51
C HIS A 71 -8.06 -15.07 26.50
N PRO A 72 -7.56 -15.83 27.49
CA PRO A 72 -6.08 -15.80 27.76
C PRO A 72 -5.14 -16.17 26.59
N ASP A 73 -5.66 -16.95 25.65
CA ASP A 73 -4.89 -17.44 24.50
C ASP A 73 -5.14 -16.74 23.16
N ILE A 74 -5.99 -15.72 23.14
CA ILE A 74 -6.27 -14.97 21.91
C ILE A 74 -5.79 -13.54 22.07
N ARG A 75 -5.06 -13.03 21.08
CA ARG A 75 -4.79 -11.61 20.99
C ARG A 75 -5.23 -11.04 19.64
N CYS A 76 -6.10 -10.03 19.69
N CYS A 76 -6.04 -9.99 19.69
CA CYS A 76 -6.51 -9.22 18.54
CA CYS A 76 -6.43 -9.22 18.55
C CYS A 76 -5.76 -7.88 18.58
C CYS A 76 -5.75 -7.86 18.57
N GLY A 77 -6.00 -7.10 19.62
CA GLY A 77 -5.42 -5.76 19.75
C GLY A 77 -6.22 -4.75 18.97
N GLU A 78 -5.64 -3.56 18.89
CA GLU A 78 -6.23 -2.41 18.27
C GLU A 78 -6.34 -2.53 16.73
N GLU A 79 -7.16 -1.67 16.16
CA GLU A 79 -7.25 -1.56 14.70
C GLU A 79 -5.88 -1.14 14.12
N THR A 80 -5.40 -1.88 13.12
CA THR A 80 -4.11 -1.52 12.53
C THR A 80 -4.17 -0.32 11.62
N ARG A 81 -5.34 -0.06 11.04
CA ARG A 81 -5.60 1.05 10.08
C ARG A 81 -4.90 0.81 8.73
N VAL A 82 -3.66 0.33 8.74
CA VAL A 82 -2.90 0.13 7.50
C VAL A 82 -3.32 -1.13 6.70
N ILE A 83 -3.81 -2.17 7.38
CA ILE A 83 -4.18 -3.41 6.69
C ILE A 83 -5.26 -3.17 5.61
N PRO A 84 -6.36 -2.48 5.94
CA PRO A 84 -7.35 -2.25 4.88
C PRO A 84 -6.83 -1.37 3.75
N ARG A 85 -5.91 -0.46 4.06
CA ARG A 85 -5.33 0.40 3.03
C ARG A 85 -4.48 -0.37 2.03
N ILE A 86 -3.63 -1.27 2.49
CA ILE A 86 -2.79 -2.06 1.58
CA ILE A 86 -2.79 -2.06 1.58
C ILE A 86 -3.66 -3.06 0.81
N LEU A 87 -4.67 -3.62 1.47
CA LEU A 87 -5.62 -4.51 0.75
C LEU A 87 -6.35 -3.77 -0.37
N ALA A 88 -6.77 -2.54 -0.10
CA ALA A 88 -7.47 -1.74 -1.09
C ALA A 88 -6.56 -1.43 -2.29
N LEU A 89 -5.30 -1.09 -2.01
CA LEU A 89 -4.30 -0.84 -3.05
C LEU A 89 -4.16 -2.06 -3.95
N LYS A 90 -3.95 -3.20 -3.32
CA LYS A 90 -3.79 -4.47 -4.03
C LYS A 90 -5.02 -4.80 -4.89
N GLN A 91 -6.22 -4.56 -4.35
CA GLN A 91 -7.45 -4.80 -5.12
CA GLN A 91 -7.44 -4.80 -5.12
C GLN A 91 -7.48 -3.95 -6.40
N MET A 92 -7.07 -2.70 -6.31
N MET A 92 -7.08 -2.68 -6.32
CA MET A 92 -7.08 -1.83 -7.50
CA MET A 92 -7.11 -1.79 -7.52
C MET A 92 -6.22 -2.39 -8.60
C MET A 92 -6.11 -2.19 -8.62
N TRP A 93 -5.05 -2.89 -8.25
CA TRP A 93 -4.12 -3.49 -9.24
C TRP A 93 -4.84 -4.64 -9.95
N SER A 94 -5.64 -5.41 -9.20
CA SER A 94 -6.52 -6.48 -9.76
C SER A 94 -7.80 -6.05 -10.45
N ARG A 95 -8.27 -4.85 -10.21
CA ARG A 95 -9.48 -4.37 -10.91
C ARG A 95 -9.13 -3.80 -12.29
N SER A 96 -7.86 -3.93 -12.74
CA SER A 96 -7.42 -3.35 -13.99
C SER A 96 -6.64 -4.35 -14.86
N SER A 97 -7.25 -4.79 -15.97
N SER A 97 -7.24 -4.80 -15.96
CA SER A 97 -6.61 -5.75 -16.86
CA SER A 97 -6.56 -5.76 -16.84
C SER A 97 -5.33 -5.16 -17.41
C SER A 97 -5.31 -5.15 -17.42
N LYS A 98 -5.38 -3.88 -17.79
N LYS A 98 -5.37 -3.88 -17.78
CA LYS A 98 -4.20 -3.22 -18.36
CA LYS A 98 -4.20 -3.20 -18.36
C LYS A 98 -3.05 -3.22 -17.37
C LYS A 98 -3.06 -3.24 -17.36
N GLU A 99 -3.35 -2.98 -16.09
CA GLU A 99 -2.32 -2.95 -15.06
C GLU A 99 -1.80 -4.33 -14.73
N LYS A 100 -2.68 -5.32 -14.63
N LYS A 100 -2.68 -5.33 -14.64
CA LYS A 100 -2.24 -6.70 -14.39
CA LYS A 100 -2.20 -6.69 -14.39
C LYS A 100 -1.32 -7.20 -15.51
C LYS A 100 -1.31 -7.22 -15.52
N ILE A 101 -1.60 -6.82 -16.76
CA ILE A 101 -0.70 -7.12 -17.88
C ILE A 101 0.70 -6.48 -17.64
N ARG A 102 0.72 -5.22 -17.25
CA ARG A 102 2.01 -4.54 -16.97
C ARG A 102 2.75 -5.22 -15.84
N LEU A 103 2.01 -5.60 -14.78
CA LEU A 103 2.65 -6.26 -13.67
C LEU A 103 3.19 -7.63 -14.03
N ASP A 104 2.39 -8.42 -14.75
CA ASP A 104 2.87 -9.73 -15.21
C ASP A 104 4.11 -9.60 -16.11
N GLU A 105 4.13 -8.62 -16.99
CA GLU A 105 5.27 -8.47 -17.89
CA GLU A 105 5.26 -8.40 -17.90
C GLU A 105 6.51 -7.93 -17.15
N ALA A 106 6.33 -7.48 -15.92
CA ALA A 106 7.42 -7.06 -15.06
C ALA A 106 7.90 -8.17 -14.11
N GLY A 107 7.28 -9.34 -14.20
CA GLY A 107 7.56 -10.45 -13.28
C GLY A 107 6.83 -10.34 -11.95
N VAL A 108 6.00 -9.31 -11.79
CA VAL A 108 5.25 -9.08 -10.53
C VAL A 108 3.91 -9.76 -10.70
N THR A 109 3.96 -11.08 -10.68
CA THR A 109 2.84 -11.95 -10.90
C THR A 109 2.02 -12.11 -9.61
N ASP A 110 0.88 -12.79 -9.71
CA ASP A 110 0.10 -13.10 -8.53
C ASP A 110 0.93 -13.81 -7.46
N GLU A 111 1.78 -14.76 -7.85
CA GLU A 111 2.62 -15.48 -6.90
C GLU A 111 3.57 -14.54 -6.13
N VAL A 112 4.13 -13.54 -6.85
CA VAL A 112 5.03 -12.58 -6.26
C VAL A 112 4.29 -11.62 -5.32
N LEU A 113 3.22 -11.05 -5.83
CA LEU A 113 2.37 -10.16 -5.05
C LEU A 113 1.83 -10.86 -3.80
N ASP A 114 1.33 -12.08 -3.98
CA ASP A 114 0.78 -12.80 -2.82
C ASP A 114 1.82 -13.02 -1.75
N SER A 115 3.05 -13.36 -2.15
CA SER A 115 4.15 -13.53 -1.18
C SER A 115 4.45 -12.22 -0.43
N ALA A 116 4.45 -11.10 -1.17
CA ALA A 116 4.72 -9.78 -0.58
C ALA A 116 3.62 -9.37 0.39
N MET A 117 2.39 -9.64 -0.02
CA MET A 117 1.22 -9.32 0.81
C MET A 117 1.18 -10.14 2.10
N GLN A 118 1.44 -11.44 1.99
CA GLN A 118 1.51 -12.32 3.15
C GLN A 118 2.56 -11.79 4.11
N ALA A 119 3.73 -11.42 3.58
CA ALA A 119 4.83 -10.98 4.44
C ALA A 119 4.49 -9.66 5.16
N PHE A 120 3.91 -8.72 4.44
CA PHE A 120 3.54 -7.43 5.02
C PHE A 120 2.50 -7.63 6.09
N LEU A 121 1.43 -8.36 5.74
CA LEU A 121 0.33 -8.54 6.66
C LEU A 121 0.75 -9.27 7.93
N LEU A 122 1.57 -10.32 7.78
CA LEU A 122 2.01 -11.05 8.96
C LEU A 122 2.86 -10.16 9.89
N GLU A 123 3.73 -9.32 9.30
CA GLU A 123 4.55 -8.44 10.12
C GLU A 123 3.65 -7.50 10.94
N ILE A 124 2.63 -6.94 10.30
CA ILE A 124 1.75 -6.03 11.02
C ILE A 124 0.99 -6.78 12.13
N ILE A 125 0.36 -7.88 11.76
CA ILE A 125 -0.47 -8.68 12.69
C ILE A 125 0.33 -9.16 13.89
N VAL A 126 1.47 -9.76 13.61
CA VAL A 126 2.30 -10.35 14.64
C VAL A 126 2.95 -9.27 15.50
N LYS A 127 3.50 -8.23 14.89
CA LYS A 127 4.37 -7.30 15.63
C LYS A 127 3.67 -6.15 16.33
N HIS A 128 2.44 -5.83 15.95
CA HIS A 128 1.77 -4.66 16.51
C HIS A 128 1.16 -4.94 17.88
N GLY A 129 1.20 -6.17 18.35
CA GLY A 129 0.63 -6.52 19.65
C GLY A 129 1.36 -7.65 20.33
N GLU A 130 0.83 -8.10 21.47
CA GLU A 130 1.49 -9.11 22.27
C GLU A 130 1.36 -10.48 21.63
N PRO A 131 2.32 -11.38 21.89
CA PRO A 131 2.19 -12.70 21.31
C PRO A 131 1.07 -13.47 21.96
N ALA A 132 0.54 -14.43 21.23
CA ALA A 132 -0.45 -15.36 21.79
C ALA A 132 -0.55 -16.58 20.89
N PRO A 133 -1.09 -17.69 21.41
CA PRO A 133 -1.32 -18.89 20.61
C PRO A 133 -2.23 -18.65 19.39
N TYR A 134 -3.22 -17.78 19.56
CA TYR A 134 -4.19 -17.49 18.50
C TYR A 134 -4.21 -16.00 18.20
N LEU A 135 -3.59 -15.60 17.09
CA LEU A 135 -3.60 -14.21 16.70
C LEU A 135 -4.83 -13.84 15.91
N CYS A 136 -5.20 -12.58 16.00
N CYS A 136 -5.23 -12.59 16.04
CA CYS A 136 -6.45 -12.07 15.49
CA CYS A 136 -6.47 -12.07 15.49
C CYS A 136 -6.22 -10.64 15.01
C CYS A 136 -6.19 -10.66 14.98
N ASN A 137 -6.95 -10.23 13.97
CA ASN A 137 -6.92 -8.84 13.48
C ASN A 137 -8.33 -8.33 13.34
N LYS A 138 -8.61 -7.15 13.87
CA LYS A 138 -9.85 -6.48 13.58
C LYS A 138 -9.61 -5.11 12.98
N ASP A 139 -9.91 -5.03 11.69
CA ASP A 139 -10.05 -3.78 10.95
C ASP A 139 -11.34 -3.95 10.16
N PRO A 140 -12.39 -3.15 10.45
CA PRO A 140 -13.71 -3.42 9.83
C PRO A 140 -13.70 -3.76 8.34
N PHE A 141 -13.08 -2.87 7.55
CA PHE A 141 -13.11 -3.05 6.10
C PHE A 141 -12.08 -4.00 5.53
N ALA A 142 -11.25 -4.62 6.37
CA ALA A 142 -10.37 -5.68 5.87
C ALA A 142 -11.20 -6.77 5.16
N LEU A 143 -12.43 -6.96 5.61
CA LEU A 143 -13.30 -7.99 5.04
C LEU A 143 -13.89 -7.67 3.66
N LYS A 144 -13.61 -6.46 3.14
CA LYS A 144 -13.81 -6.19 1.72
C LYS A 144 -12.88 -7.04 0.86
N SER A 145 -11.82 -7.59 1.47
CA SER A 145 -10.90 -8.55 0.83
C SER A 145 -10.91 -9.92 1.51
N LEU A 146 -12.07 -10.29 2.04
CA LEU A 146 -12.24 -11.56 2.74
C LEU A 146 -11.79 -12.77 1.90
N THR A 147 -12.32 -12.92 0.69
CA THR A 147 -11.95 -14.05 -0.16
CA THR A 147 -11.93 -14.06 -0.16
C THR A 147 -10.43 -14.06 -0.46
N TYR A 148 -9.87 -12.88 -0.74
CA TYR A 148 -8.42 -12.78 -0.96
C TYR A 148 -7.61 -13.23 0.25
N LEU A 149 -7.97 -12.71 1.44
CA LEU A 149 -7.29 -13.10 2.66
C LEU A 149 -7.41 -14.60 2.91
N SER A 150 -8.57 -15.17 2.57
CA SER A 150 -8.78 -16.59 2.75
CA SER A 150 -8.78 -16.61 2.76
C SER A 150 -7.84 -17.41 1.85
N ARG A 151 -7.59 -16.89 0.64
CA ARG A 151 -6.65 -17.54 -0.29
C ARG A 151 -5.19 -17.42 0.20
N LEU A 152 -4.81 -16.24 0.72
CA LEU A 152 -3.45 -16.03 1.28
C LEU A 152 -3.17 -16.85 2.49
N PHE A 153 -4.21 -17.04 3.31
CA PHE A 153 -4.09 -17.63 4.62
C PHE A 153 -5.09 -18.77 4.76
N PRO A 154 -4.72 -19.96 4.31
CA PRO A 154 -5.67 -21.08 4.31
C PRO A 154 -6.12 -21.51 5.72
N ASN A 155 -5.38 -21.14 6.75
CA ASN A 155 -5.78 -21.41 8.14
C ASN A 155 -6.42 -20.20 8.84
N ALA A 156 -6.79 -19.18 8.06
CA ALA A 156 -7.56 -18.07 8.58
C ALA A 156 -9.04 -18.37 8.64
N LYS A 157 -9.68 -17.84 9.68
CA LYS A 157 -11.15 -17.85 9.78
C LYS A 157 -11.62 -16.41 9.97
N PHE A 158 -12.88 -16.17 9.65
CA PHE A 158 -13.46 -14.86 9.53
C PHE A 158 -14.71 -14.74 10.35
N LEU A 159 -14.87 -13.61 11.03
CA LEU A 159 -16.04 -13.28 11.78
C LEU A 159 -16.59 -12.00 11.20
N LEU A 160 -17.73 -12.08 10.53
CA LEU A 160 -18.38 -10.91 9.94
C LEU A 160 -19.45 -10.46 10.88
N MET A 161 -19.23 -9.32 11.52
CA MET A 161 -20.26 -8.69 12.36
C MET A 161 -21.31 -8.03 11.50
N VAL A 162 -22.57 -8.32 11.83
CA VAL A 162 -23.74 -7.79 11.18
CA VAL A 162 -23.69 -7.68 11.19
C VAL A 162 -24.56 -7.07 12.25
N ARG A 163 -24.91 -5.81 12.02
CA ARG A 163 -25.82 -5.08 12.88
C ARG A 163 -26.87 -4.43 11.99
N ASP A 164 -28.06 -4.24 12.52
CA ASP A 164 -29.09 -3.49 11.82
C ASP A 164 -28.49 -2.21 11.23
N GLY A 165 -28.55 -2.08 9.90
CA GLY A 165 -27.94 -0.94 9.21
C GLY A 165 -28.45 0.40 9.70
N ARG A 166 -29.70 0.44 10.17
CA ARG A 166 -30.30 1.65 10.71
C ARG A 166 -29.59 2.05 12.00
N ALA A 167 -29.24 1.04 12.80
CA ALA A 167 -28.44 1.29 14.02
C ALA A 167 -27.01 1.74 13.72
N SER A 168 -26.35 1.07 12.76
CA SER A 168 -24.99 1.46 12.37
CA SER A 168 -24.99 1.43 12.35
C SER A 168 -24.93 2.85 11.80
N VAL A 169 -25.90 3.18 10.94
CA VAL A 169 -25.94 4.50 10.33
C VAL A 169 -26.22 5.60 11.36
N HIS A 170 -27.22 5.41 12.21
CA HIS A 170 -27.49 6.41 13.26
C HIS A 170 -26.27 6.59 14.18
N SER A 171 -25.56 5.49 14.44
CA SER A 171 -24.33 5.56 15.24
C SER A 171 -23.26 6.41 14.60
N MET A 172 -22.95 6.16 13.35
CA MET A 172 -21.90 6.95 12.69
C MET A 172 -22.30 8.44 12.57
N ILE A 173 -23.56 8.72 12.25
CA ILE A 173 -24.02 10.10 12.08
C ILE A 173 -24.03 10.83 13.43
N SER A 174 -24.65 10.21 14.44
CA SER A 174 -24.81 10.87 15.74
C SER A 174 -23.46 11.08 16.46
N ARG A 175 -22.55 10.13 16.30
CA ARG A 175 -21.22 10.24 16.88
C ARG A 175 -20.16 10.87 15.99
N LYS A 176 -20.50 11.15 14.74
CA LYS A 176 -19.55 11.70 13.77
C LYS A 176 -18.32 10.80 13.60
N VAL A 177 -18.57 9.51 13.36
CA VAL A 177 -17.51 8.59 13.01
C VAL A 177 -17.36 8.60 11.50
N THR A 178 -16.22 9.10 11.03
CA THR A 178 -16.04 9.39 9.62
C THR A 178 -15.57 8.19 8.83
N ILE A 179 -16.19 8.02 7.67
CA ILE A 179 -15.85 6.95 6.76
C ILE A 179 -15.73 7.57 5.37
N ALA A 180 -14.56 7.48 4.75
CA ALA A 180 -14.40 7.96 3.38
C ALA A 180 -15.45 7.34 2.48
N GLY A 181 -16.19 8.19 1.76
CA GLY A 181 -17.27 7.72 0.88
C GLY A 181 -18.67 7.75 1.45
N PHE A 182 -18.80 7.97 2.76
CA PHE A 182 -20.10 8.14 3.44
C PHE A 182 -20.35 9.64 3.76
N ASP A 183 -21.49 10.16 3.32
CA ASP A 183 -21.91 11.54 3.65
C ASP A 183 -22.71 11.51 4.95
N LEU A 184 -22.06 11.90 6.06
CA LEU A 184 -22.71 11.88 7.38
C LEU A 184 -23.83 12.95 7.58
N ASN A 185 -24.05 13.86 6.61
CA ASN A 185 -25.26 14.72 6.62
C ASN A 185 -26.50 14.10 5.97
N SER A 186 -26.41 12.83 5.56
CA SER A 186 -27.47 12.13 4.84
C SER A 186 -27.66 10.70 5.35
N TYR A 187 -28.78 10.45 6.03
CA TYR A 187 -29.14 9.09 6.39
C TYR A 187 -29.30 8.24 5.12
N ARG A 188 -29.86 8.82 4.06
CA ARG A 188 -30.04 8.13 2.79
C ARG A 188 -28.71 7.65 2.23
N ASP A 189 -27.73 8.55 2.15
CA ASP A 189 -26.41 8.17 1.61
C ASP A 189 -25.74 7.11 2.47
N CYS A 190 -25.75 7.33 3.79
CA CYS A 190 -25.09 6.35 4.69
C CYS A 190 -25.72 4.95 4.64
N LEU A 191 -27.06 4.89 4.54
CA LEU A 191 -27.74 3.58 4.41
C LEU A 191 -27.44 2.92 3.04
N THR A 192 -27.34 3.74 1.99
CA THR A 192 -26.97 3.22 0.65
C THR A 192 -25.57 2.65 0.68
N LYS A 193 -24.64 3.37 1.29
CA LYS A 193 -23.26 2.92 1.36
C LYS A 193 -23.10 1.73 2.32
N TRP A 194 -23.84 1.73 3.43
CA TRP A 194 -23.88 0.58 4.33
C TRP A 194 -24.30 -0.68 3.57
N ASN A 195 -25.38 -0.53 2.81
CA ASN A 195 -25.92 -1.62 2.03
C ASN A 195 -24.88 -2.20 1.06
N ARG A 196 -24.18 -1.32 0.33
N ARG A 196 -24.17 -1.33 0.35
CA ARG A 196 -23.16 -1.74 -0.63
CA ARG A 196 -23.18 -1.75 -0.64
C ARG A 196 -22.03 -2.48 0.07
C ARG A 196 -22.01 -2.46 0.04
N ALA A 197 -21.53 -1.90 1.14
CA ALA A 197 -20.40 -2.44 1.89
C ALA A 197 -20.72 -3.82 2.47
N ILE A 198 -21.87 -3.93 3.15
CA ILE A 198 -22.19 -5.21 3.80
CA ILE A 198 -22.22 -5.20 3.80
C ILE A 198 -22.54 -6.25 2.74
N GLU A 199 -23.09 -5.82 1.60
CA GLU A 199 -23.40 -6.81 0.53
C GLU A 199 -22.13 -7.49 0.06
N THR A 200 -21.10 -6.71 -0.24
CA THR A 200 -19.79 -7.22 -0.66
CA THR A 200 -19.89 -7.36 -0.72
C THR A 200 -19.21 -8.22 0.36
N MET A 201 -19.20 -7.79 1.62
CA MET A 201 -18.60 -8.58 2.70
C MET A 201 -19.40 -9.88 2.97
N TYR A 202 -20.73 -9.76 2.94
CA TYR A 202 -21.59 -10.91 3.13
C TYR A 202 -21.39 -11.91 1.99
N ASN A 203 -21.36 -11.43 0.74
CA ASN A 203 -21.20 -12.36 -0.37
C ASN A 203 -19.89 -13.15 -0.27
N GLN A 204 -18.82 -12.45 0.14
CA GLN A 204 -17.54 -13.13 0.30
C GLN A 204 -17.58 -14.12 1.46
N CYS A 205 -18.23 -13.75 2.57
N CYS A 205 -18.31 -13.76 2.52
CA CYS A 205 -18.33 -14.64 3.72
CA CYS A 205 -18.59 -14.68 3.59
C CYS A 205 -19.00 -15.98 3.33
C CYS A 205 -19.37 -15.89 3.08
N MET A 206 -20.09 -15.86 2.60
N MET A 206 -20.43 -15.68 2.30
CA MET A 206 -20.79 -17.05 2.10
CA MET A 206 -21.15 -16.84 1.80
C MET A 206 -19.93 -17.77 1.07
C MET A 206 -20.26 -17.66 0.85
N GLU A 207 -19.31 -17.01 0.16
CA GLU A 207 -18.44 -17.66 -0.83
C GLU A 207 -17.41 -18.60 -0.21
N VAL A 208 -16.73 -18.17 0.86
CA VAL A 208 -15.74 -19.04 1.51
C VAL A 208 -16.37 -20.15 2.32
N GLY A 209 -17.61 -19.95 2.73
CA GLY A 209 -18.38 -21.02 3.38
C GLY A 209 -18.31 -21.05 4.89
N TYR A 210 -19.23 -21.84 5.47
CA TYR A 210 -19.46 -21.81 6.91
C TYR A 210 -18.30 -22.33 7.76
N LYS A 211 -17.40 -23.13 7.20
CA LYS A 211 -16.24 -23.59 7.95
C LYS A 211 -15.16 -22.53 8.04
N LYS A 212 -15.23 -21.51 7.17
CA LYS A 212 -14.23 -20.42 7.13
CA LYS A 212 -14.23 -20.43 7.17
C LYS A 212 -14.74 -19.07 7.58
N CYS A 213 -16.04 -18.81 7.45
N CYS A 213 -16.04 -18.80 7.40
CA CYS A 213 -16.60 -17.53 7.88
CA CYS A 213 -16.64 -17.53 7.81
C CYS A 213 -17.94 -17.72 8.56
C CYS A 213 -17.92 -17.77 8.58
N MET A 214 -18.08 -17.07 9.71
CA MET A 214 -19.30 -17.09 10.50
C MET A 214 -19.86 -15.68 10.56
N LEU A 215 -21.14 -15.54 10.30
CA LEU A 215 -21.88 -14.29 10.51
CA LEU A 215 -21.83 -14.29 10.49
C LEU A 215 -22.21 -14.18 11.98
N VAL A 216 -21.93 -13.02 12.59
CA VAL A 216 -22.27 -12.80 14.00
C VAL A 216 -23.18 -11.59 14.05
N HIS A 217 -24.43 -11.79 14.44
CA HIS A 217 -25.37 -10.67 14.56
C HIS A 217 -25.17 -9.98 15.89
N TYR A 218 -24.86 -8.70 15.84
CA TYR A 218 -24.59 -7.91 17.03
C TYR A 218 -25.72 -8.03 18.07
N GLU A 219 -26.94 -7.89 17.61
CA GLU A 219 -28.10 -7.87 18.50
C GLU A 219 -28.22 -9.25 19.17
N GLN A 220 -27.92 -10.32 18.43
CA GLN A 220 -27.99 -11.66 19.01
C GLN A 220 -26.89 -11.91 20.01
N LEU A 221 -25.69 -11.40 19.72
CA LEU A 221 -24.55 -11.49 20.63
C LEU A 221 -24.87 -10.84 21.95
N VAL A 222 -25.35 -9.59 21.94
CA VAL A 222 -25.59 -8.88 23.21
C VAL A 222 -26.79 -9.46 23.96
N LEU A 223 -27.75 -10.00 23.23
CA LEU A 223 -28.93 -10.64 23.87
C LEU A 223 -28.64 -12.05 24.43
N HIS A 224 -27.66 -12.76 23.89
CA HIS A 224 -27.37 -14.15 24.28
C HIS A 224 -25.85 -14.38 24.21
N PRO A 225 -25.09 -13.71 25.09
CA PRO A 225 -23.64 -13.78 24.92
C PRO A 225 -23.01 -15.16 25.07
N GLU A 226 -23.42 -15.94 26.07
CA GLU A 226 -22.85 -17.27 26.20
C GLU A 226 -23.17 -18.14 24.99
N ARG A 227 -24.43 -18.10 24.54
CA ARG A 227 -24.86 -18.92 23.41
CA ARG A 227 -24.83 -18.95 23.43
C ARG A 227 -23.96 -18.65 22.22
N TRP A 228 -23.81 -17.38 21.89
CA TRP A 228 -22.99 -17.01 20.71
CA TRP A 228 -22.99 -16.99 20.72
C TRP A 228 -21.49 -17.22 20.89
N MET A 229 -20.95 -16.90 22.06
CA MET A 229 -19.54 -17.17 22.29
C MET A 229 -19.19 -18.65 22.28
N ARG A 230 -20.06 -19.50 22.82
CA ARG A 230 -19.84 -20.95 22.72
C ARG A 230 -19.74 -21.41 21.27
N THR A 231 -20.70 -20.98 20.46
CA THR A 231 -20.77 -21.35 19.05
C THR A 231 -19.53 -20.83 18.31
N LEU A 232 -19.23 -19.57 18.57
CA LEU A 232 -18.12 -18.88 17.90
CA LEU A 232 -18.09 -18.84 17.96
C LEU A 232 -16.77 -19.53 18.22
N LEU A 233 -16.50 -19.82 19.49
CA LEU A 233 -15.24 -20.45 19.85
C LEU A 233 -15.12 -21.87 19.30
N LYS A 234 -16.24 -22.61 19.25
CA LYS A 234 -16.27 -23.89 18.59
C LYS A 234 -15.94 -23.78 17.09
N PHE A 235 -16.52 -22.77 16.43
CA PHE A 235 -16.22 -22.45 15.01
C PHE A 235 -14.71 -22.15 14.82
N LEU A 236 -14.13 -21.40 15.77
CA LEU A 236 -12.68 -21.10 15.71
C LEU A 236 -11.78 -22.24 16.12
N GLN A 237 -12.36 -23.28 16.68
CA GLN A 237 -11.62 -24.44 17.20
C GLN A 237 -10.69 -24.05 18.36
N ILE A 238 -11.17 -23.14 19.22
CA ILE A 238 -10.41 -22.66 20.37
C ILE A 238 -11.20 -23.06 21.63
N PRO A 239 -10.54 -23.66 22.62
CA PRO A 239 -11.30 -24.05 23.82
C PRO A 239 -12.00 -22.87 24.49
N TRP A 240 -13.14 -23.15 25.08
CA TRP A 240 -13.90 -22.16 25.85
C TRP A 240 -13.07 -21.52 26.92
N ASN A 241 -13.29 -20.23 27.16
CA ASN A 241 -12.87 -19.59 28.42
C ASN A 241 -13.94 -18.62 28.84
N HIS A 242 -14.38 -18.76 30.08
CA HIS A 242 -15.43 -17.93 30.67
C HIS A 242 -15.16 -16.43 30.66
N SER A 243 -13.88 -16.05 30.64
N SER A 243 -13.88 -16.04 30.65
CA SER A 243 -13.48 -14.64 30.64
CA SER A 243 -13.51 -14.63 30.66
C SER A 243 -14.07 -13.82 29.50
C SER A 243 -14.09 -13.82 29.50
N VAL A 244 -14.42 -14.48 28.39
CA VAL A 244 -15.07 -13.78 27.26
C VAL A 244 -16.44 -13.16 27.63
N LEU A 245 -17.08 -13.67 28.69
CA LEU A 245 -18.35 -13.16 29.21
C LEU A 245 -18.20 -12.05 30.23
N HIS A 246 -16.98 -11.73 30.63
CA HIS A 246 -16.74 -10.61 31.54
C HIS A 246 -15.53 -9.81 31.03
N HIS A 247 -15.58 -9.45 29.75
CA HIS A 247 -14.39 -8.85 29.09
CA HIS A 247 -14.41 -8.84 29.08
C HIS A 247 -13.96 -7.56 29.77
N GLU A 248 -14.92 -6.84 30.36
CA GLU A 248 -14.62 -5.58 31.08
C GLU A 248 -13.60 -5.76 32.22
N GLU A 249 -13.55 -6.97 32.79
CA GLU A 249 -12.60 -7.31 33.85
CA GLU A 249 -12.60 -7.30 33.85
C GLU A 249 -11.16 -7.57 33.34
N MET A 250 -11.00 -7.69 32.01
N MET A 250 -11.01 -7.77 32.02
CA MET A 250 -9.69 -7.98 31.44
CA MET A 250 -9.71 -8.01 31.38
C MET A 250 -9.08 -6.77 30.74
C MET A 250 -9.07 -6.76 30.78
N ILE A 251 -9.73 -5.59 30.86
CA ILE A 251 -9.22 -4.35 30.28
CA ILE A 251 -9.19 -4.40 30.24
C ILE A 251 -7.89 -3.98 30.96
N GLY A 252 -6.85 -3.81 30.16
CA GLY A 252 -5.54 -3.40 30.62
C GLY A 252 -4.71 -4.45 31.34
N LYS A 253 -5.17 -5.71 31.36
CA LYS A 253 -4.49 -6.82 32.02
C LYS A 253 -3.66 -7.64 31.04
N ALA A 254 -2.62 -8.27 31.59
CA ALA A 254 -1.79 -9.16 30.80
C ALA A 254 -2.67 -10.22 30.16
N GLY A 255 -2.52 -10.40 28.84
CA GLY A 255 -3.31 -11.38 28.11
C GLY A 255 -4.77 -10.97 27.92
N GLY A 256 -5.06 -9.69 28.16
CA GLY A 256 -6.41 -9.14 28.14
C GLY A 256 -6.62 -8.11 27.05
N VAL A 257 -7.41 -7.10 27.35
CA VAL A 257 -7.90 -6.19 26.31
C VAL A 257 -7.09 -4.89 26.30
N SER A 258 -6.35 -4.68 25.22
CA SER A 258 -5.65 -3.38 25.00
C SER A 258 -6.51 -2.45 24.15
N LEU A 259 -6.80 -1.25 24.65
CA LEU A 259 -7.69 -0.30 23.99
C LEU A 259 -6.94 0.95 23.60
N SER A 260 -7.22 1.48 22.42
CA SER A 260 -6.62 2.73 21.94
C SER A 260 -7.46 3.89 22.44
N LYS A 261 -6.80 4.88 23.03
CA LYS A 261 -7.49 6.10 23.47
C LYS A 261 -8.07 6.95 22.35
N VAL A 262 -7.63 6.72 21.11
CA VAL A 262 -8.15 7.46 19.96
C VAL A 262 -9.10 6.65 19.06
N GLU A 263 -9.43 5.43 19.46
CA GLU A 263 -10.50 4.70 18.77
C GLU A 263 -11.86 5.13 19.32
N ARG A 264 -12.84 5.17 18.43
CA ARG A 264 -14.14 5.76 18.70
C ARG A 264 -15.03 4.89 19.58
N SER A 265 -14.82 3.57 19.59
CA SER A 265 -15.63 2.66 20.42
C SER A 265 -15.09 2.40 21.84
N THR A 266 -13.93 2.97 22.17
CA THR A 266 -13.28 2.66 23.46
C THR A 266 -14.19 2.91 24.66
N ASP A 267 -14.86 4.07 24.72
CA ASP A 267 -15.67 4.37 25.93
CA ASP A 267 -15.70 4.39 25.89
C ASP A 267 -16.93 3.47 26.04
N GLN A 268 -17.34 2.79 24.96
CA GLN A 268 -18.44 1.80 25.03
C GLN A 268 -17.94 0.41 25.47
N VAL A 269 -16.80 0.00 24.92
N VAL A 269 -16.80 0.00 24.92
CA VAL A 269 -16.28 -1.33 25.17
CA VAL A 269 -16.26 -1.31 25.18
C VAL A 269 -15.72 -1.51 26.59
C VAL A 269 -15.76 -1.51 26.61
N ILE A 270 -15.46 -0.42 27.31
CA ILE A 270 -15.10 -0.52 28.73
C ILE A 270 -16.24 -1.01 29.62
N LYS A 271 -17.48 -0.92 29.14
CA LYS A 271 -18.66 -1.40 29.87
C LYS A 271 -18.85 -2.90 29.64
N PRO A 272 -19.49 -3.58 30.61
CA PRO A 272 -19.90 -4.96 30.31
C PRO A 272 -20.83 -5.05 29.10
N VAL A 273 -20.91 -6.24 28.53
CA VAL A 273 -21.87 -6.49 27.43
C VAL A 273 -23.25 -6.06 27.89
N ASN A 274 -23.90 -5.23 27.11
CA ASN A 274 -25.20 -4.71 27.48
C ASN A 274 -26.12 -4.54 26.28
N VAL A 275 -27.41 -4.35 26.54
CA VAL A 275 -28.42 -4.24 25.48
C VAL A 275 -28.92 -2.79 25.22
N GLY A 276 -28.20 -1.82 25.77
CA GLY A 276 -28.56 -0.41 25.65
C GLY A 276 -28.45 0.26 24.28
N ALA A 277 -27.79 -0.39 23.32
CA ALA A 277 -27.60 0.19 21.99
C ALA A 277 -28.42 -0.50 20.89
N LEU A 278 -29.43 -1.27 21.27
CA LEU A 278 -30.20 -2.01 20.27
C LEU A 278 -31.03 -1.14 19.34
N SER A 279 -31.68 -0.12 19.91
CA SER A 279 -32.78 0.61 19.24
CA SER A 279 -32.76 0.62 19.21
C SER A 279 -32.71 2.14 19.42
N LYS A 280 -31.50 2.69 19.63
CA LYS A 280 -31.30 4.14 19.80
C LYS A 280 -31.63 4.92 18.52
N TRP A 281 -31.62 4.23 17.40
CA TRP A 281 -31.93 4.78 16.08
C TRP A 281 -33.41 5.07 15.84
N VAL A 282 -34.28 4.44 16.61
CA VAL A 282 -35.72 4.54 16.36
C VAL A 282 -36.18 6.00 16.55
N GLY A 283 -36.95 6.48 15.58
CA GLY A 283 -37.44 7.84 15.55
C GLY A 283 -36.46 8.90 15.03
N LYS A 284 -35.23 8.50 14.69
CA LYS A 284 -34.16 9.43 14.30
C LYS A 284 -34.05 9.57 12.79
N ILE A 285 -34.63 8.63 12.03
CA ILE A 285 -34.41 8.61 10.58
C ILE A 285 -35.52 9.42 9.90
N PRO A 286 -35.16 10.30 8.95
CA PRO A 286 -36.22 11.07 8.29
C PRO A 286 -37.27 10.19 7.59
N PRO A 287 -38.53 10.63 7.55
CA PRO A 287 -39.63 9.79 7.07
C PRO A 287 -39.52 9.35 5.62
N ASP A 288 -38.91 10.16 4.74
CA ASP A 288 -38.69 9.76 3.33
C ASP A 288 -37.79 8.51 3.24
N VAL A 289 -36.78 8.48 4.12
CA VAL A 289 -35.83 7.37 4.17
C VAL A 289 -36.53 6.16 4.77
N LEU A 290 -37.39 6.38 5.77
CA LEU A 290 -38.18 5.26 6.32
C LEU A 290 -39.07 4.66 5.25
N GLN A 291 -39.74 5.52 4.47
CA GLN A 291 -40.61 5.05 3.39
C GLN A 291 -39.84 4.19 2.37
N ASP A 292 -38.63 4.62 2.02
CA ASP A 292 -37.83 3.97 0.98
C ASP A 292 -36.88 2.91 1.53
N MET A 293 -36.98 2.57 2.83
CA MET A 293 -35.99 1.72 3.51
C MET A 293 -35.69 0.40 2.79
N ALA A 294 -36.73 -0.29 2.33
CA ALA A 294 -36.54 -1.60 1.69
C ALA A 294 -35.81 -1.49 0.35
N VAL A 295 -35.97 -0.34 -0.33
CA VAL A 295 -35.33 -0.09 -1.60
C VAL A 295 -33.90 0.41 -1.43
N ILE A 296 -33.69 1.28 -0.46
CA ILE A 296 -32.38 1.81 -0.12
C ILE A 296 -31.45 0.72 0.39
N ALA A 297 -31.98 -0.15 1.25
CA ALA A 297 -31.17 -1.11 1.96
C ALA A 297 -31.79 -2.50 1.92
N PRO A 298 -31.81 -3.12 0.74
CA PRO A 298 -32.36 -4.49 0.63
C PRO A 298 -31.62 -5.56 1.46
N MET A 299 -30.39 -5.26 1.85
CA MET A 299 -29.61 -6.16 2.72
C MET A 299 -30.22 -6.28 4.13
N LEU A 300 -31.03 -5.31 4.57
CA LEU A 300 -31.72 -5.45 5.87
C LEU A 300 -32.53 -6.76 5.88
N ALA A 301 -33.49 -6.86 4.96
CA ALA A 301 -34.32 -8.05 4.88
C ALA A 301 -33.49 -9.29 4.67
N LYS A 302 -32.46 -9.21 3.83
CA LYS A 302 -31.64 -10.39 3.53
CA LYS A 302 -31.61 -10.37 3.52
C LYS A 302 -30.88 -10.89 4.76
N LEU A 303 -30.59 -9.98 5.68
CA LEU A 303 -29.89 -10.31 6.92
C LEU A 303 -30.83 -10.53 8.13
N GLY A 304 -32.14 -10.56 7.89
CA GLY A 304 -33.15 -10.87 8.91
C GLY A 304 -33.76 -9.68 9.62
N TYR A 305 -33.44 -8.47 9.16
CA TYR A 305 -33.99 -7.25 9.74
C TYR A 305 -35.19 -6.76 8.95
N ASP A 306 -36.35 -6.65 9.60
CA ASP A 306 -37.55 -6.18 8.94
C ASP A 306 -37.41 -4.69 8.65
N PRO A 307 -37.33 -4.32 7.35
CA PRO A 307 -37.09 -2.91 7.04
C PRO A 307 -38.28 -1.97 7.34
N TYR A 308 -39.43 -2.52 7.73
CA TYR A 308 -40.59 -1.70 8.08
C TYR A 308 -40.93 -1.78 9.58
N ALA A 309 -40.07 -2.42 10.36
CA ALA A 309 -40.26 -2.49 11.82
C ALA A 309 -39.36 -1.47 12.48
N ASN A 310 -39.92 -0.72 13.43
CA ASN A 310 -39.23 0.40 14.10
C ASN A 310 -39.32 0.28 15.62
N PRO A 311 -38.54 -0.59 16.23
CA PRO A 311 -37.59 -1.50 15.61
C PRO A 311 -38.15 -2.93 15.48
N PRO A 312 -37.39 -3.80 14.81
CA PRO A 312 -37.65 -5.22 15.00
C PRO A 312 -37.54 -5.61 16.48
N ASN A 313 -38.32 -6.61 16.88
CA ASN A 313 -38.10 -7.26 18.16
C ASN A 313 -36.95 -8.23 18.02
N TYR A 314 -35.71 -7.75 18.21
CA TYR A 314 -34.53 -8.56 17.89
C TYR A 314 -34.46 -9.90 18.59
N GLY A 315 -35.00 -9.97 19.81
CA GLY A 315 -34.91 -11.19 20.60
C GLY A 315 -36.08 -12.16 20.43
N LYS A 316 -37.12 -11.80 19.70
CA LYS A 316 -38.27 -12.71 19.53
C LYS A 316 -37.83 -14.02 18.84
N PRO A 317 -38.03 -15.18 19.49
CA PRO A 317 -37.66 -16.46 18.88
C PRO A 317 -38.71 -16.96 17.88
N ALA B 43 20.08 -16.33 -0.76
CA ALA B 43 19.68 -15.81 0.59
C ALA B 43 19.31 -14.33 0.46
N TYR B 44 18.32 -13.90 1.21
CA TYR B 44 17.97 -12.48 1.18
C TYR B 44 17.49 -12.01 2.54
N HIS B 45 17.79 -10.75 2.81
CA HIS B 45 17.52 -10.13 4.09
C HIS B 45 17.75 -8.62 3.95
N LYS B 46 17.31 -7.86 4.94
CA LYS B 46 17.32 -6.41 4.84
C LYS B 46 18.72 -5.80 4.85
N ASP B 47 19.72 -6.55 5.32
CA ASP B 47 21.15 -6.12 5.28
C ASP B 47 21.92 -6.51 4.01
N MET B 48 21.25 -7.11 3.03
CA MET B 48 21.95 -7.49 1.79
C MET B 48 22.30 -6.24 0.95
N PRO B 49 23.32 -6.30 0.08
N PRO B 49 23.37 -6.33 0.14
CA PRO B 49 23.71 -5.09 -0.70
CA PRO B 49 23.63 -5.25 -0.80
C PRO B 49 22.91 -4.77 -2.00
C PRO B 49 22.47 -5.18 -1.78
N LEU B 50 21.84 -4.01 -1.84
CA LEU B 50 20.89 -3.73 -2.89
C LEU B 50 21.34 -2.47 -3.62
N ILE B 51 20.86 -2.34 -4.86
CA ILE B 51 21.07 -1.17 -5.70
C ILE B 51 19.71 -0.63 -6.10
N PHE B 52 19.45 0.65 -5.83
CA PHE B 52 18.20 1.29 -6.21
C PHE B 52 18.53 2.40 -7.19
N ILE B 53 17.92 2.34 -8.39
CA ILE B 53 18.11 3.34 -9.43
C ILE B 53 16.80 4.10 -9.52
N GLY B 54 16.90 5.42 -9.67
CA GLY B 54 15.71 6.22 -9.90
C GLY B 54 16.04 7.60 -10.42
N GLY B 55 15.05 8.48 -10.32
CA GLY B 55 15.06 9.80 -10.94
C GLY B 55 13.69 10.12 -11.51
N VAL B 56 13.56 11.28 -12.13
CA VAL B 56 12.32 11.60 -12.79
C VAL B 56 12.22 10.71 -14.04
N PRO B 57 11.04 10.13 -14.32
CA PRO B 57 10.91 9.42 -15.58
C PRO B 57 11.42 10.22 -16.80
N ARG B 58 11.92 9.49 -17.81
CA ARG B 58 12.52 10.06 -19.03
C ARG B 58 13.87 10.70 -18.74
N SER B 59 14.64 10.07 -17.84
CA SER B 59 15.96 10.57 -17.48
C SER B 59 17.09 9.55 -17.67
N GLY B 60 16.87 8.53 -18.51
CA GLY B 60 17.84 7.47 -18.73
C GLY B 60 17.88 6.38 -17.68
N THR B 61 16.80 6.23 -16.91
CA THR B 61 16.74 5.22 -15.85
C THR B 61 16.69 3.78 -16.41
N THR B 62 15.95 3.56 -17.49
CA THR B 62 15.93 2.24 -18.14
C THR B 62 17.29 1.88 -18.73
N LEU B 63 17.92 2.86 -19.40
CA LEU B 63 19.27 2.64 -19.90
C LEU B 63 20.21 2.23 -18.79
N MET B 64 20.18 2.98 -17.70
CA MET B 64 21.06 2.70 -16.57
C MET B 64 20.88 1.27 -16.06
N ARG B 65 19.63 0.88 -15.85
CA ARG B 65 19.37 -0.45 -15.31
C ARG B 65 19.74 -1.55 -16.33
N ALA B 66 19.54 -1.25 -17.61
CA ALA B 66 19.92 -2.20 -18.67
C ALA B 66 21.44 -2.38 -18.76
N MET B 67 22.19 -1.29 -18.62
CA MET B 67 23.64 -1.38 -18.62
C MET B 67 24.13 -2.20 -17.44
N LEU B 68 23.49 -2.05 -16.27
CA LEU B 68 23.82 -2.90 -15.13
C LEU B 68 23.38 -4.35 -15.31
N ASP B 69 22.20 -4.55 -15.89
CA ASP B 69 21.71 -5.92 -16.18
C ASP B 69 22.67 -6.67 -17.15
N ALA B 70 23.37 -5.92 -18.02
CA ALA B 70 24.35 -6.52 -18.88
C ALA B 70 25.55 -7.15 -18.15
N HIS B 71 25.74 -6.78 -16.89
CA HIS B 71 26.78 -7.33 -16.03
C HIS B 71 26.35 -8.73 -15.55
N PRO B 72 27.27 -9.72 -15.59
CA PRO B 72 26.84 -11.08 -15.19
C PRO B 72 26.37 -11.24 -13.74
N ASP B 73 26.83 -10.38 -12.85
CA ASP B 73 26.54 -10.48 -11.40
C ASP B 73 25.42 -9.60 -10.89
N ILE B 74 24.80 -8.80 -11.77
CA ILE B 74 23.75 -7.91 -11.38
C ILE B 74 22.46 -8.26 -12.09
N ARG B 75 21.37 -8.27 -11.31
CA ARG B 75 20.04 -8.27 -11.93
C ARG B 75 19.19 -7.13 -11.37
N CYS B 76 18.64 -6.33 -12.29
N CYS B 76 18.61 -6.34 -12.27
CA CYS B 76 17.69 -5.26 -11.98
CA CYS B 76 17.64 -5.33 -11.92
C CYS B 76 16.29 -5.73 -12.40
C CYS B 76 16.25 -5.75 -12.38
N GLY B 77 16.14 -6.00 -13.68
CA GLY B 77 14.86 -6.36 -14.27
C GLY B 77 13.97 -5.15 -14.47
N GLU B 78 12.73 -5.47 -14.77
CA GLU B 78 11.73 -4.50 -15.16
C GLU B 78 11.27 -3.63 -13.97
N GLU B 79 10.60 -2.51 -14.28
CA GLU B 79 9.99 -1.70 -13.27
C GLU B 79 8.93 -2.48 -12.50
N THR B 80 8.95 -2.43 -11.18
CA THR B 80 7.95 -3.23 -10.42
C THR B 80 6.57 -2.58 -10.33
N ARG B 81 6.54 -1.26 -10.46
CA ARG B 81 5.34 -0.42 -10.42
C ARG B 81 4.73 -0.28 -8.99
N VAL B 82 4.67 -1.39 -8.27
CA VAL B 82 4.06 -1.43 -6.96
C VAL B 82 4.96 -0.82 -5.88
N ILE B 83 6.28 -0.92 -6.05
CA ILE B 83 7.20 -0.37 -5.04
C ILE B 83 6.98 1.13 -4.74
N PRO B 84 6.96 2.01 -5.77
CA PRO B 84 6.71 3.43 -5.48
CA PRO B 84 6.70 3.43 -5.45
C PRO B 84 5.33 3.67 -4.87
N ARG B 85 4.37 2.80 -5.18
CA ARG B 85 3.01 2.99 -4.67
C ARG B 85 2.94 2.72 -3.17
N ILE B 86 3.55 1.63 -2.72
CA ILE B 86 3.54 1.31 -1.29
CA ILE B 86 3.55 1.29 -1.29
C ILE B 86 4.42 2.30 -0.51
N LEU B 87 5.52 2.74 -1.11
CA LEU B 87 6.36 3.77 -0.47
C LEU B 87 5.57 5.07 -0.30
N ALA B 88 4.81 5.46 -1.31
CA ALA B 88 3.99 6.66 -1.22
C ALA B 88 2.93 6.57 -0.13
N LEU B 89 2.25 5.43 -0.06
CA LEU B 89 1.25 5.17 1.01
C LEU B 89 1.86 5.38 2.39
N LYS B 90 2.97 4.69 2.65
CA LYS B 90 3.70 4.78 3.90
C LYS B 90 4.10 6.23 4.25
N GLN B 91 4.61 6.95 3.25
CA GLN B 91 5.03 8.33 3.47
C GLN B 91 3.84 9.21 3.97
N MET B 92 2.66 9.01 3.38
N MET B 92 2.67 9.01 3.35
CA MET B 92 1.47 9.74 3.79
CA MET B 92 1.42 9.70 3.74
C MET B 92 1.02 9.44 5.22
C MET B 92 1.02 9.44 5.20
N TRP B 93 1.26 8.22 5.69
CA TRP B 93 0.94 7.84 7.08
C TRP B 93 1.82 8.56 8.08
N SER B 94 3.11 8.47 7.85
CA SER B 94 4.09 8.99 8.77
C SER B 94 4.23 10.53 8.71
N ARG B 95 3.77 11.17 7.63
CA ARG B 95 3.79 12.63 7.53
C ARG B 95 2.62 13.36 8.20
N SER B 96 1.49 12.68 8.39
CA SER B 96 0.37 13.23 9.19
C SER B 96 0.64 13.02 10.69
N SER B 97 0.78 14.11 11.45
CA SER B 97 1.03 13.99 12.89
C SER B 97 -0.14 13.28 13.59
N LYS B 98 -1.37 13.59 13.18
CA LYS B 98 -2.56 12.97 13.77
C LYS B 98 -2.56 11.44 13.49
N GLU B 99 -2.29 11.06 12.23
CA GLU B 99 -2.26 9.64 11.88
C GLU B 99 -1.15 8.86 12.60
N LYS B 100 0.05 9.45 12.72
CA LYS B 100 1.12 8.77 13.41
C LYS B 100 0.74 8.47 14.87
N ILE B 101 0.05 9.39 15.52
CA ILE B 101 -0.46 9.16 16.85
C ILE B 101 -1.43 7.98 16.88
N ARG B 102 -2.35 7.94 15.92
CA ARG B 102 -3.33 6.82 15.89
C ARG B 102 -2.60 5.50 15.66
N LEU B 103 -1.63 5.48 14.75
CA LEU B 103 -0.87 4.27 14.49
C LEU B 103 -0.05 3.83 15.70
N ASP B 104 0.61 4.79 16.37
CA ASP B 104 1.40 4.45 17.54
C ASP B 104 0.53 3.83 18.65
N GLU B 105 -0.66 4.39 18.85
CA GLU B 105 -1.56 3.91 19.89
C GLU B 105 -2.14 2.54 19.53
N ALA B 106 -2.14 2.18 18.25
CA ALA B 106 -2.52 0.85 17.81
C ALA B 106 -1.38 -0.16 17.88
N GLY B 107 -0.17 0.26 18.27
CA GLY B 107 1.01 -0.58 18.22
C GLY B 107 1.69 -0.67 16.87
N VAL B 108 1.18 0.07 15.89
CA VAL B 108 1.73 0.08 14.53
C VAL B 108 2.74 1.24 14.50
N THR B 109 3.87 1.00 15.18
CA THR B 109 4.94 1.98 15.34
C THR B 109 5.84 2.01 14.12
N ASP B 110 6.83 2.92 14.09
CA ASP B 110 7.81 2.90 13.01
C ASP B 110 8.52 1.54 12.89
N GLU B 111 8.84 0.94 14.04
CA GLU B 111 9.52 -0.35 14.08
C GLU B 111 8.70 -1.44 13.37
N VAL B 112 7.42 -1.45 13.66
CA VAL B 112 6.49 -2.43 13.06
C VAL B 112 6.32 -2.17 11.58
N LEU B 113 6.03 -0.92 11.23
CA LEU B 113 5.89 -0.52 9.83
C LEU B 113 7.15 -0.80 9.03
N ASP B 114 8.31 -0.49 9.60
CA ASP B 114 9.57 -0.70 8.88
C ASP B 114 9.80 -2.19 8.59
N SER B 115 9.45 -3.04 9.55
CA SER B 115 9.61 -4.46 9.38
C SER B 115 8.70 -4.97 8.25
N ALA B 116 7.48 -4.47 8.24
CA ALA B 116 6.50 -4.86 7.24
C ALA B 116 6.94 -4.39 5.86
N MET B 117 7.45 -3.15 5.79
CA MET B 117 7.90 -2.58 4.52
C MET B 117 9.12 -3.34 4.00
N GLN B 118 10.09 -3.62 4.87
CA GLN B 118 11.24 -4.45 4.48
C GLN B 118 10.77 -5.76 3.87
N ALA B 119 9.83 -6.42 4.56
CA ALA B 119 9.37 -7.72 4.12
C ALA B 119 8.70 -7.66 2.75
N PHE B 120 7.80 -6.71 2.58
CA PHE B 120 7.09 -6.52 1.30
C PHE B 120 8.08 -6.22 0.18
N LEU B 121 8.96 -5.26 0.42
CA LEU B 121 9.84 -4.80 -0.63
C LEU B 121 10.81 -5.91 -1.05
N LEU B 122 11.34 -6.67 -0.10
CA LEU B 122 12.24 -7.76 -0.45
C LEU B 122 11.55 -8.86 -1.25
N GLU B 123 10.30 -9.20 -0.90
CA GLU B 123 9.59 -10.19 -1.69
C GLU B 123 9.47 -9.75 -3.14
N ILE B 124 9.10 -8.49 -3.36
CA ILE B 124 8.98 -7.97 -4.72
C ILE B 124 10.35 -7.97 -5.44
N ILE B 125 11.36 -7.38 -4.81
CA ILE B 125 12.66 -7.24 -5.47
C ILE B 125 13.27 -8.60 -5.81
N VAL B 126 13.23 -9.49 -4.84
CA VAL B 126 13.85 -10.83 -5.00
C VAL B 126 13.08 -11.70 -5.98
N LYS B 127 11.76 -11.77 -5.81
CA LYS B 127 10.98 -12.78 -6.53
C LYS B 127 10.52 -12.37 -7.93
N HIS B 128 10.54 -11.07 -8.29
CA HIS B 128 10.05 -10.65 -9.62
C HIS B 128 11.05 -10.87 -10.74
N GLY B 129 12.26 -11.32 -10.44
CA GLY B 129 13.28 -11.51 -11.45
C GLY B 129 14.24 -12.62 -11.09
N GLU B 130 15.21 -12.82 -11.95
CA GLU B 130 16.19 -13.88 -11.81
C GLU B 130 17.15 -13.64 -10.65
N PRO B 131 17.65 -14.72 -10.01
CA PRO B 131 18.59 -14.50 -8.94
C PRO B 131 19.95 -13.98 -9.46
N ALA B 132 20.62 -13.20 -8.63
CA ALA B 132 21.95 -12.75 -8.93
C ALA B 132 22.67 -12.40 -7.62
N PRO B 133 24.02 -12.37 -7.65
CA PRO B 133 24.77 -11.95 -6.48
C PRO B 133 24.42 -10.55 -5.98
N TYR B 134 24.08 -9.65 -6.90
CA TYR B 134 23.76 -8.26 -6.58
C TYR B 134 22.40 -7.92 -7.18
N LEU B 135 21.41 -7.72 -6.33
CA LEU B 135 20.09 -7.36 -6.79
C LEU B 135 19.90 -5.85 -6.84
N CYS B 136 19.08 -5.45 -7.78
N CYS B 136 19.08 -5.46 -7.79
CA CYS B 136 18.87 -4.06 -8.12
CA CYS B 136 18.86 -4.07 -8.12
C CYS B 136 17.38 -3.86 -8.37
C CYS B 136 17.37 -3.87 -8.33
N ASN B 137 16.90 -2.66 -8.07
CA ASN B 137 15.53 -2.27 -8.38
C ASN B 137 15.53 -0.91 -9.09
N LYS B 138 14.84 -0.80 -10.22
CA LYS B 138 14.62 0.49 -10.84
C LYS B 138 13.14 0.76 -11.02
N ASP B 139 12.66 1.73 -10.24
CA ASP B 139 11.36 2.35 -10.36
C ASP B 139 11.66 3.82 -10.13
N PRO B 140 11.49 4.68 -11.16
CA PRO B 140 11.98 6.07 -11.06
C PRO B 140 11.66 6.78 -9.74
N PHE B 141 10.39 6.80 -9.36
CA PHE B 141 9.96 7.51 -8.17
C PHE B 141 10.17 6.80 -6.85
N ALA B 142 10.78 5.61 -6.84
CA ALA B 142 11.16 5.01 -5.55
C ALA B 142 12.12 5.93 -4.80
N LEU B 143 12.89 6.73 -5.54
CA LEU B 143 13.85 7.62 -4.88
CA LEU B 143 13.86 7.62 -4.91
C LEU B 143 13.22 8.88 -4.28
N LYS B 144 11.89 9.05 -4.42
N LYS B 144 11.90 9.06 -4.42
CA LYS B 144 11.18 9.99 -3.54
CA LYS B 144 11.18 9.98 -3.54
C LYS B 144 11.24 9.51 -2.07
C LYS B 144 11.24 9.51 -2.08
N SER B 145 11.54 8.23 -1.86
CA SER B 145 11.79 7.66 -0.53
C SER B 145 13.23 7.18 -0.36
N LEU B 146 14.17 7.85 -1.03
CA LEU B 146 15.58 7.47 -0.98
C LEU B 146 16.12 7.34 0.46
N THR B 147 15.97 8.38 1.26
CA THR B 147 16.52 8.36 2.62
C THR B 147 15.87 7.27 3.45
N TYR B 148 14.57 7.12 3.32
CA TYR B 148 13.85 6.04 4.02
C TYR B 148 14.35 4.66 3.63
N LEU B 149 14.50 4.43 2.33
CA LEU B 149 15.07 3.15 1.85
C LEU B 149 16.46 2.87 2.43
N SER B 150 17.27 3.92 2.58
N SER B 150 17.28 3.92 2.56
CA SER B 150 18.63 3.80 3.10
CA SER B 150 18.64 3.77 3.02
C SER B 150 18.62 3.42 4.58
C SER B 150 18.68 3.32 4.47
N ARG B 151 17.56 3.84 5.28
N ARG B 151 17.65 3.71 5.22
CA ARG B 151 17.28 3.41 6.66
CA ARG B 151 17.48 3.30 6.61
C ARG B 151 16.90 1.91 6.68
C ARG B 151 16.82 1.91 6.76
N LEU B 152 15.93 1.55 5.83
CA LEU B 152 15.42 0.18 5.80
C LEU B 152 16.47 -0.84 5.41
N PHE B 153 17.34 -0.42 4.48
CA PHE B 153 18.33 -1.29 3.87
C PHE B 153 19.70 -0.62 4.03
N PRO B 154 20.36 -0.83 5.17
CA PRO B 154 21.60 -0.08 5.47
CA PRO B 154 21.58 -0.06 5.47
C PRO B 154 22.78 -0.28 4.54
N ASN B 155 22.81 -1.41 3.82
N ASN B 155 22.83 -1.41 3.82
CA ASN B 155 23.84 -1.70 2.83
CA ASN B 155 23.86 -1.66 2.84
C ASN B 155 23.41 -1.42 1.39
C ASN B 155 23.39 -1.45 1.39
N ALA B 156 22.23 -0.83 1.21
CA ALA B 156 21.79 -0.38 -0.12
C ALA B 156 22.58 0.83 -0.60
N LYS B 157 22.81 0.89 -1.91
CA LYS B 157 23.37 2.07 -2.56
C LYS B 157 22.35 2.55 -3.61
N PHE B 158 22.46 3.83 -3.94
CA PHE B 158 21.49 4.52 -4.76
C PHE B 158 22.15 5.20 -5.93
N LEU B 159 21.50 5.12 -7.10
CA LEU B 159 21.97 5.81 -8.31
CA LEU B 159 21.96 5.77 -8.31
C LEU B 159 20.84 6.72 -8.74
N LEU B 160 21.07 8.03 -8.62
CA LEU B 160 20.09 9.04 -9.01
C LEU B 160 20.45 9.53 -10.41
N MET B 161 19.64 9.13 -11.41
CA MET B 161 19.82 9.62 -12.78
C MET B 161 19.33 11.05 -12.85
N VAL B 162 20.15 11.90 -13.46
CA VAL B 162 19.85 13.30 -13.68
C VAL B 162 19.98 13.56 -15.17
N ARG B 163 18.92 14.11 -15.76
CA ARG B 163 18.91 14.52 -17.15
C ARG B 163 18.38 15.93 -17.23
N ASP B 164 18.86 16.71 -18.19
CA ASP B 164 18.33 18.04 -18.42
C ASP B 164 16.80 17.99 -18.38
N GLY B 165 16.16 18.75 -17.48
CA GLY B 165 14.72 18.77 -17.40
C GLY B 165 14.00 19.07 -18.68
N ARG B 166 14.61 19.89 -19.53
CA ARG B 166 14.01 20.21 -20.80
C ARG B 166 13.91 18.99 -21.69
N ALA B 167 14.94 18.13 -21.60
CA ALA B 167 14.93 16.88 -22.35
C ALA B 167 13.89 15.90 -21.80
N SER B 168 13.86 15.75 -20.48
CA SER B 168 12.91 14.85 -19.81
CA SER B 168 12.91 14.87 -19.79
C SER B 168 11.47 15.26 -20.12
N VAL B 169 11.22 16.55 -20.05
CA VAL B 169 9.86 17.08 -20.29
C VAL B 169 9.45 16.94 -21.73
N HIS B 170 10.32 17.31 -22.65
CA HIS B 170 9.99 17.09 -24.05
C HIS B 170 9.74 15.61 -24.36
N SER B 171 10.51 14.71 -23.75
CA SER B 171 10.32 13.28 -23.91
C SER B 171 8.90 12.85 -23.46
N MET B 172 8.52 13.22 -22.24
CA MET B 172 7.22 12.76 -21.74
C MET B 172 6.07 13.33 -22.56
N ILE B 173 6.18 14.58 -22.97
CA ILE B 173 5.14 15.23 -23.75
C ILE B 173 5.05 14.64 -25.15
N SER B 174 6.18 14.59 -25.83
CA SER B 174 6.21 14.11 -27.22
C SER B 174 5.81 12.64 -27.37
N ARG B 175 6.18 11.81 -26.41
CA ARG B 175 5.85 10.39 -26.45
C ARG B 175 4.57 10.03 -25.66
N LYS B 176 3.95 11.04 -25.03
CA LYS B 176 2.78 10.85 -24.18
CA LYS B 176 2.79 10.88 -24.13
C LYS B 176 3.00 9.78 -23.08
N VAL B 177 4.04 9.97 -22.29
CA VAL B 177 4.34 9.12 -21.14
C VAL B 177 3.67 9.80 -19.96
N THR B 178 2.69 9.13 -19.35
CA THR B 178 1.79 9.80 -18.43
C THR B 178 2.35 9.67 -17.03
N ILE B 179 2.27 10.76 -16.30
CA ILE B 179 2.67 10.82 -14.91
C ILE B 179 1.60 11.52 -14.12
N ALA B 180 1.04 10.85 -13.12
CA ALA B 180 0.00 11.51 -12.29
C ALA B 180 0.56 12.76 -11.68
N GLY B 181 -0.13 13.88 -11.85
CA GLY B 181 0.35 15.17 -11.37
C GLY B 181 1.03 16.03 -12.44
N PHE B 182 1.40 15.43 -13.58
CA PHE B 182 1.99 16.18 -14.71
C PHE B 182 0.95 16.38 -15.80
N ASP B 183 0.74 17.63 -16.22
CA ASP B 183 -0.16 17.92 -17.33
C ASP B 183 0.62 17.94 -18.64
N LEU B 184 0.47 16.89 -19.47
CA LEU B 184 1.25 16.78 -20.71
C LEU B 184 0.86 17.80 -21.78
N ASN B 185 -0.20 18.58 -21.55
CA ASN B 185 -0.53 19.71 -22.42
C ASN B 185 0.28 20.98 -22.14
N SER B 186 1.13 20.95 -21.11
CA SER B 186 1.83 22.13 -20.66
C SER B 186 3.31 21.85 -20.37
N TYR B 187 4.19 22.39 -21.22
CA TYR B 187 5.61 22.39 -20.93
C TYR B 187 5.92 23.07 -19.58
N ARG B 188 5.21 24.16 -19.31
CA ARG B 188 5.39 24.91 -18.06
C ARG B 188 5.06 24.04 -16.84
N ASP B 189 3.93 23.33 -16.88
CA ASP B 189 3.55 22.51 -15.74
C ASP B 189 4.57 21.38 -15.56
N CYS B 190 4.92 20.75 -16.66
CA CYS B 190 5.82 19.60 -16.63
C CYS B 190 7.20 19.97 -16.11
N LEU B 191 7.73 21.12 -16.54
CA LEU B 191 9.00 21.61 -15.99
C LEU B 191 8.89 21.97 -14.52
N THR B 192 7.76 22.57 -14.13
CA THR B 192 7.53 22.89 -12.72
C THR B 192 7.53 21.62 -11.87
N LYS B 193 6.87 20.58 -12.36
CA LYS B 193 6.75 19.33 -11.61
C LYS B 193 8.05 18.55 -11.61
N TRP B 194 8.74 18.54 -12.75
CA TRP B 194 10.11 17.98 -12.86
C TRP B 194 11.02 18.60 -11.80
N ASN B 195 10.97 19.93 -11.71
CA ASN B 195 11.76 20.68 -10.75
C ASN B 195 11.50 20.25 -9.32
N ARG B 196 10.22 20.18 -8.94
CA ARG B 196 9.85 19.77 -7.58
C ARG B 196 10.32 18.34 -7.28
N ALA B 197 10.11 17.43 -8.23
CA ALA B 197 10.44 16.01 -8.05
C ALA B 197 11.93 15.80 -7.91
N ILE B 198 12.72 16.40 -8.81
N ILE B 198 12.71 16.43 -8.80
CA ILE B 198 14.18 16.21 -8.75
CA ILE B 198 14.16 16.24 -8.79
C ILE B 198 14.78 16.94 -7.55
C ILE B 198 14.78 16.96 -7.59
N GLU B 199 14.18 18.06 -7.14
CA GLU B 199 14.64 18.74 -5.92
C GLU B 199 14.55 17.78 -4.72
N THR B 200 13.41 17.11 -4.56
CA THR B 200 13.26 16.14 -3.46
CA THR B 200 13.30 16.15 -3.43
C THR B 200 14.29 15.01 -3.53
N MET B 201 14.41 14.41 -4.71
CA MET B 201 15.31 13.26 -4.89
C MET B 201 16.79 13.68 -4.74
N TYR B 202 17.16 14.78 -5.36
CA TYR B 202 18.51 15.35 -5.18
C TYR B 202 18.83 15.65 -3.72
N ASN B 203 17.90 16.30 -3.01
CA ASN B 203 18.16 16.61 -1.59
C ASN B 203 18.38 15.35 -0.78
N GLN B 204 17.61 14.30 -1.07
CA GLN B 204 17.81 13.03 -0.34
C GLN B 204 19.14 12.34 -0.69
N CYS B 205 19.51 12.42 -1.96
N CYS B 205 19.54 12.40 -1.97
CA CYS B 205 20.83 11.92 -2.39
CA CYS B 205 20.84 11.84 -2.38
C CYS B 205 21.96 12.62 -1.60
C CYS B 205 22.00 12.60 -1.69
N MET B 206 21.85 13.92 -1.51
CA MET B 206 22.85 14.72 -0.76
C MET B 206 22.76 14.47 0.75
N GLU B 207 21.55 14.17 1.24
CA GLU B 207 21.34 13.83 2.66
C GLU B 207 22.09 12.54 3.08
N VAL B 208 22.00 11.50 2.26
CA VAL B 208 22.68 10.25 2.57
C VAL B 208 24.16 10.28 2.26
N GLY B 209 24.57 11.15 1.33
CA GLY B 209 25.96 11.37 1.03
C GLY B 209 26.60 10.41 0.05
N TYR B 210 27.83 10.77 -0.31
CA TYR B 210 28.53 10.16 -1.44
C TYR B 210 28.85 8.67 -1.24
N LYS B 211 28.89 8.18 0.00
CA LYS B 211 29.12 6.75 0.21
C LYS B 211 27.86 5.88 -0.08
N LYS B 212 26.69 6.52 -0.10
CA LYS B 212 25.43 5.82 -0.35
C LYS B 212 24.72 6.18 -1.65
N CYS B 213 24.88 7.42 -2.14
N CYS B 213 24.96 7.37 -2.20
CA CYS B 213 24.20 7.86 -3.38
CA CYS B 213 24.24 7.75 -3.39
C CYS B 213 25.20 8.46 -4.35
C CYS B 213 25.10 8.52 -4.36
N MET B 214 25.12 8.04 -5.61
CA MET B 214 25.89 8.66 -6.69
CA MET B 214 25.89 8.68 -6.67
C MET B 214 24.91 9.30 -7.67
N LEU B 215 25.13 10.57 -8.00
CA LEU B 215 24.43 11.26 -9.09
CA LEU B 215 24.41 11.25 -9.05
C LEU B 215 25.05 10.84 -10.40
N VAL B 216 24.24 10.42 -11.34
CA VAL B 216 24.69 10.03 -12.68
C VAL B 216 24.00 10.95 -13.67
N HIS B 217 24.78 11.79 -14.35
CA HIS B 217 24.21 12.66 -15.39
C HIS B 217 24.09 11.87 -16.65
N TYR B 218 22.86 11.77 -17.15
CA TYR B 218 22.54 11.06 -18.37
C TYR B 218 23.43 11.46 -19.54
N GLU B 219 23.56 12.76 -19.75
CA GLU B 219 24.31 13.23 -20.94
C GLU B 219 25.80 12.84 -20.83
N GLN B 220 26.35 12.91 -19.62
N GLN B 220 26.37 12.91 -19.61
CA GLN B 220 27.73 12.50 -19.37
CA GLN B 220 27.76 12.50 -19.42
C GLN B 220 27.93 11.01 -19.61
C GLN B 220 27.95 11.00 -19.59
N LEU B 221 26.95 10.24 -19.19
CA LEU B 221 26.97 8.76 -19.33
C LEU B 221 26.97 8.36 -20.79
N VAL B 222 26.12 8.97 -21.62
CA VAL B 222 26.09 8.61 -23.03
C VAL B 222 27.28 9.13 -23.83
N LEU B 223 27.86 10.23 -23.38
CA LEU B 223 29.07 10.76 -24.04
C LEU B 223 30.36 10.07 -23.62
N HIS B 224 30.38 9.52 -22.40
CA HIS B 224 31.56 8.93 -21.77
CA HIS B 224 31.58 8.82 -21.93
C HIS B 224 31.23 7.65 -21.01
N PRO B 225 30.63 6.62 -21.64
CA PRO B 225 30.15 5.51 -20.82
C PRO B 225 31.24 4.67 -20.14
N GLU B 226 32.41 4.47 -20.74
CA GLU B 226 33.46 3.71 -20.04
CA GLU B 226 33.48 3.72 -20.05
C GLU B 226 33.86 4.44 -18.75
N ARG B 227 34.08 5.75 -18.85
CA ARG B 227 34.46 6.58 -17.68
CA ARG B 227 34.48 6.51 -17.68
C ARG B 227 33.42 6.41 -16.57
N TRP B 228 32.17 6.65 -16.91
CA TRP B 228 31.13 6.65 -15.91
C TRP B 228 30.79 5.28 -15.39
N MET B 229 30.71 4.27 -16.28
CA MET B 229 30.48 2.91 -15.79
C MET B 229 31.60 2.38 -14.88
N ARG B 230 32.87 2.73 -15.18
CA ARG B 230 33.96 2.32 -14.29
C ARG B 230 33.84 2.97 -12.92
N THR B 231 33.51 4.26 -12.92
CA THR B 231 33.33 5.00 -11.66
C THR B 231 32.17 4.40 -10.87
N LEU B 232 31.08 4.13 -11.57
CA LEU B 232 29.86 3.63 -10.94
C LEU B 232 30.07 2.22 -10.34
N LEU B 233 30.73 1.33 -11.08
CA LEU B 233 31.00 -0.01 -10.56
C LEU B 233 32.00 -0.01 -9.40
N LYS B 234 32.96 0.93 -9.41
CA LYS B 234 33.82 1.13 -8.24
C LYS B 234 33.01 1.59 -7.02
N PHE B 235 32.08 2.51 -7.23
CA PHE B 235 31.15 2.97 -6.18
C PHE B 235 30.32 1.82 -5.59
N LEU B 236 29.81 0.95 -6.47
CA LEU B 236 29.02 -0.21 -6.05
C LEU B 236 29.87 -1.34 -5.49
N GLN B 237 31.19 -1.28 -5.69
CA GLN B 237 32.14 -2.32 -5.23
C GLN B 237 31.90 -3.64 -5.94
N ILE B 238 31.72 -3.57 -7.27
CA ILE B 238 31.46 -4.72 -8.13
C ILE B 238 32.52 -4.70 -9.22
N PRO B 239 33.09 -5.86 -9.57
CA PRO B 239 34.19 -5.84 -10.57
C PRO B 239 33.78 -5.34 -11.93
N TRP B 240 34.73 -4.72 -12.62
CA TRP B 240 34.47 -4.24 -13.96
C TRP B 240 34.05 -5.38 -14.89
N ASN B 241 33.17 -5.06 -15.82
CA ASN B 241 32.87 -5.95 -16.92
C ASN B 241 32.57 -5.11 -18.14
N HIS B 242 33.25 -5.43 -19.25
CA HIS B 242 33.08 -4.65 -20.47
CA HIS B 242 33.10 -4.69 -20.52
C HIS B 242 31.70 -4.81 -21.14
N SER B 243 30.95 -5.86 -20.79
N SER B 243 30.96 -5.87 -20.76
CA SER B 243 29.63 -6.09 -21.33
CA SER B 243 29.61 -6.11 -21.28
C SER B 243 28.66 -4.93 -21.08
C SER B 243 28.67 -4.93 -21.07
N VAL B 244 28.91 -4.13 -20.02
CA VAL B 244 28.08 -2.95 -19.74
C VAL B 244 28.16 -1.88 -20.85
N LEU B 245 29.19 -1.91 -21.69
CA LEU B 245 29.29 -0.99 -22.83
C LEU B 245 28.70 -1.52 -24.12
N HIS B 246 28.19 -2.75 -24.08
CA HIS B 246 27.55 -3.41 -25.21
C HIS B 246 26.27 -4.09 -24.74
N HIS B 247 25.43 -3.33 -24.04
CA HIS B 247 24.22 -3.94 -23.42
C HIS B 247 23.26 -4.42 -24.48
N GLU B 248 23.34 -3.84 -25.69
CA GLU B 248 22.52 -4.29 -26.83
C GLU B 248 22.69 -5.77 -27.14
N GLU B 249 23.89 -6.30 -26.88
CA GLU B 249 24.19 -7.71 -27.11
C GLU B 249 23.62 -8.65 -26.04
N MET B 250 23.15 -8.09 -24.92
CA MET B 250 22.65 -8.89 -23.80
C MET B 250 21.13 -8.87 -23.66
N ILE B 251 20.43 -8.23 -24.60
CA ILE B 251 18.96 -8.15 -24.57
C ILE B 251 18.39 -9.57 -24.72
N GLY B 252 17.53 -9.95 -23.77
CA GLY B 252 16.86 -11.24 -23.80
C GLY B 252 17.75 -12.44 -23.54
N LYS B 253 18.98 -12.23 -23.10
CA LYS B 253 19.88 -13.33 -22.85
C LYS B 253 19.89 -13.67 -21.37
N ALA B 254 20.22 -14.93 -21.07
CA ALA B 254 20.41 -15.38 -19.69
C ALA B 254 21.47 -14.56 -19.00
N GLY B 255 21.16 -14.07 -17.81
CA GLY B 255 22.08 -13.20 -17.08
C GLY B 255 22.15 -11.78 -17.66
N GLY B 256 21.20 -11.45 -18.53
CA GLY B 256 21.25 -10.20 -19.30
C GLY B 256 20.02 -9.36 -19.07
N VAL B 257 19.55 -8.72 -20.14
CA VAL B 257 18.55 -7.65 -20.00
C VAL B 257 17.15 -8.16 -20.33
N SER B 258 16.30 -8.26 -19.31
CA SER B 258 14.91 -8.65 -19.48
C SER B 258 14.08 -7.38 -19.67
N LEU B 259 13.31 -7.33 -20.75
CA LEU B 259 12.52 -6.14 -21.09
C LEU B 259 11.01 -6.43 -21.06
N SER B 260 10.24 -5.45 -20.59
CA SER B 260 8.78 -5.53 -20.68
C SER B 260 8.32 -4.93 -22.01
N LYS B 261 7.43 -5.66 -22.70
CA LYS B 261 6.85 -5.17 -23.96
C LYS B 261 5.93 -3.94 -23.80
N VAL B 262 5.51 -3.65 -22.57
CA VAL B 262 4.63 -2.50 -22.30
C VAL B 262 5.32 -1.35 -21.54
N GLU B 263 6.62 -1.44 -21.33
CA GLU B 263 7.36 -0.28 -20.81
C GLU B 263 7.69 0.69 -21.95
N ARG B 264 7.57 1.97 -21.65
CA ARG B 264 7.68 3.05 -22.66
C ARG B 264 9.11 3.24 -23.20
N SER B 265 10.11 2.80 -22.49
CA SER B 265 11.51 2.93 -22.94
C SER B 265 12.09 1.71 -23.66
N THR B 266 11.32 0.63 -23.76
CA THR B 266 11.85 -0.63 -24.32
C THR B 266 12.43 -0.45 -25.72
N ASP B 267 11.71 0.24 -26.62
CA ASP B 267 12.20 0.35 -27.99
CA ASP B 267 12.16 0.43 -28.00
C ASP B 267 13.45 1.25 -28.10
N GLN B 268 13.72 2.08 -27.11
CA GLN B 268 14.98 2.85 -27.07
C GLN B 268 16.12 2.03 -26.48
N VAL B 269 15.85 1.26 -25.42
CA VAL B 269 16.91 0.57 -24.71
C VAL B 269 17.44 -0.65 -25.48
N ILE B 270 16.71 -1.14 -26.48
CA ILE B 270 17.25 -2.20 -27.31
C ILE B 270 18.43 -1.76 -28.18
N LYS B 271 18.56 -0.45 -28.38
CA LYS B 271 19.68 0.11 -29.15
C LYS B 271 20.91 0.23 -28.24
N PRO B 272 22.10 0.23 -28.84
CA PRO B 272 23.30 0.50 -28.04
C PRO B 272 23.25 1.90 -27.44
N VAL B 273 24.09 2.11 -26.44
CA VAL B 273 24.16 3.40 -25.77
C VAL B 273 24.58 4.47 -26.79
N ASN B 274 23.67 5.43 -27.03
CA ASN B 274 23.82 6.40 -28.11
C ASN B 274 23.62 7.86 -27.67
N VAL B 275 23.98 8.78 -28.56
CA VAL B 275 23.87 10.21 -28.26
C VAL B 275 22.68 10.87 -28.94
N GLY B 276 21.78 10.06 -29.50
CA GLY B 276 20.67 10.60 -30.27
C GLY B 276 19.62 11.39 -29.51
N ALA B 277 19.57 11.26 -28.19
CA ALA B 277 18.53 11.91 -27.43
C ALA B 277 19.03 13.08 -26.58
N LEU B 278 20.20 13.62 -26.89
CA LEU B 278 20.77 14.70 -26.08
C LEU B 278 19.94 15.96 -26.14
N SER B 279 19.51 16.36 -27.34
CA SER B 279 18.93 17.68 -27.55
C SER B 279 17.82 17.71 -28.60
N LYS B 280 16.99 16.66 -28.61
CA LYS B 280 15.76 16.59 -29.39
C LYS B 280 14.76 17.68 -29.00
N TRP B 281 14.87 18.12 -27.75
CA TRP B 281 14.02 19.17 -27.20
C TRP B 281 14.22 20.58 -27.79
N VAL B 282 15.38 20.81 -28.40
CA VAL B 282 15.75 22.14 -28.84
C VAL B 282 14.81 22.53 -29.95
N GLY B 283 14.17 23.69 -29.79
CA GLY B 283 13.19 24.19 -30.72
C GLY B 283 11.76 23.74 -30.48
N LYS B 284 11.53 22.83 -29.52
CA LYS B 284 10.22 22.23 -29.31
C LYS B 284 9.47 22.87 -28.14
N ILE B 285 10.15 23.68 -27.35
CA ILE B 285 9.59 24.27 -26.15
C ILE B 285 9.09 25.67 -26.47
N PRO B 286 7.86 26.01 -26.02
CA PRO B 286 7.29 27.35 -26.29
C PRO B 286 8.21 28.47 -25.83
N PRO B 287 8.27 29.60 -26.58
N PRO B 287 8.35 29.54 -26.62
CA PRO B 287 9.17 30.66 -26.16
CA PRO B 287 9.13 30.70 -26.21
C PRO B 287 8.85 31.26 -24.79
C PRO B 287 8.83 31.23 -24.80
N ASP B 288 7.57 31.29 -24.40
CA ASP B 288 7.22 31.82 -23.07
C ASP B 288 7.85 30.97 -21.91
N VAL B 289 7.97 29.68 -22.15
CA VAL B 289 8.60 28.75 -21.20
C VAL B 289 10.13 28.92 -21.24
N LEU B 290 10.71 29.07 -22.45
CA LEU B 290 12.11 29.45 -22.55
C LEU B 290 12.43 30.73 -21.75
N GLN B 291 11.57 31.74 -21.90
CA GLN B 291 11.76 33.05 -21.22
C GLN B 291 11.94 32.90 -19.72
N ASP B 292 11.07 32.09 -19.13
CA ASP B 292 10.95 31.94 -17.70
C ASP B 292 11.70 30.70 -17.20
N MET B 293 12.57 30.09 -18.03
CA MET B 293 13.18 28.79 -17.67
C MET B 293 13.87 28.74 -16.29
N ALA B 294 14.66 29.77 -15.96
CA ALA B 294 15.38 29.83 -14.69
C ALA B 294 14.48 29.94 -13.47
N VAL B 295 13.31 30.54 -13.67
CA VAL B 295 12.35 30.72 -12.61
C VAL B 295 11.50 29.48 -12.44
N ILE B 296 11.07 28.90 -13.56
CA ILE B 296 10.27 27.65 -13.53
C ILE B 296 11.12 26.50 -12.94
N ALA B 297 12.37 26.40 -13.37
CA ALA B 297 13.18 25.21 -13.09
C ALA B 297 14.57 25.62 -12.58
N PRO B 298 14.63 26.16 -11.35
CA PRO B 298 15.95 26.49 -10.75
C PRO B 298 16.88 25.28 -10.53
N MET B 299 16.33 24.06 -10.47
CA MET B 299 17.17 22.86 -10.42
C MET B 299 18.06 22.64 -11.66
N LEU B 300 17.70 23.25 -12.80
CA LEU B 300 18.58 23.18 -13.95
C LEU B 300 19.98 23.70 -13.61
N ALA B 301 20.03 24.97 -13.22
CA ALA B 301 21.30 25.61 -12.85
C ALA B 301 22.01 24.87 -11.69
N LYS B 302 21.24 24.45 -10.68
CA LYS B 302 21.78 23.71 -9.55
CA LYS B 302 21.75 23.70 -9.54
C LYS B 302 22.48 22.43 -9.98
N LEU B 303 21.93 21.76 -11.00
CA LEU B 303 22.50 20.51 -11.50
C LEU B 303 23.48 20.65 -12.67
N GLY B 304 23.85 21.90 -12.99
CA GLY B 304 24.88 22.19 -13.99
C GLY B 304 24.40 22.42 -15.39
N TYR B 305 23.08 22.60 -15.57
CA TYR B 305 22.48 22.85 -16.87
C TYR B 305 22.14 24.32 -17.01
N ASP B 306 22.72 24.97 -18.01
CA ASP B 306 22.45 26.36 -18.23
C ASP B 306 21.03 26.57 -18.73
N PRO B 307 20.20 27.27 -17.93
CA PRO B 307 18.81 27.46 -18.34
C PRO B 307 18.57 28.40 -19.52
N TYR B 308 19.62 29.07 -19.98
N TYR B 308 19.58 29.12 -20.01
CA TYR B 308 19.61 29.92 -21.17
CA TYR B 308 19.43 29.87 -21.28
C TYR B 308 20.31 29.34 -22.39
C TYR B 308 20.32 29.35 -22.41
N ALA B 309 20.84 28.11 -22.26
CA ALA B 309 21.57 27.45 -23.34
C ALA B 309 20.63 26.49 -24.04
N ASN B 310 20.57 26.62 -25.36
CA ASN B 310 19.65 25.81 -26.17
C ASN B 310 20.43 25.02 -27.24
N PRO B 311 21.08 23.92 -26.89
CA PRO B 311 21.20 23.33 -25.57
C PRO B 311 22.53 23.69 -24.90
N PRO B 312 22.71 23.30 -23.62
CA PRO B 312 24.07 23.31 -23.05
C PRO B 312 25.02 22.46 -23.89
N ASN B 313 26.29 22.82 -23.86
CA ASN B 313 27.31 21.97 -24.42
C ASN B 313 27.58 20.87 -23.39
N TYR B 314 26.83 19.79 -23.50
CA TYR B 314 26.97 18.69 -22.53
C TYR B 314 28.39 18.10 -22.54
N GLY B 315 29.05 18.18 -23.70
CA GLY B 315 30.45 17.81 -23.84
C GLY B 315 31.42 18.84 -23.26
N ASP C 1 -5.92 14.78 8.02
CA ASP C 1 -6.28 14.30 6.65
C ASP C 1 -6.87 12.88 6.57
N PHE C 2 -6.60 11.97 7.53
CA PHE C 2 -7.24 10.63 7.48
C PHE C 2 -8.56 10.64 8.26
N GLU C 3 -9.53 9.89 7.74
CA GLU C 3 -10.80 9.70 8.47
C GLU C 3 -10.68 8.50 9.40
N ASP C 4 -11.72 8.23 10.19
CA ASP C 4 -11.70 7.07 11.08
C ASP C 4 -11.54 5.77 10.27
N TYR C 5 -12.23 5.70 9.12
CA TYR C 5 -12.16 4.55 8.21
C TYR C 5 -12.22 4.98 6.75
N GLU C 6 -11.85 4.07 5.84
CA GLU C 6 -12.07 4.33 4.40
C GLU C 6 -12.82 3.21 3.73
N PHE C 7 -13.90 3.56 3.03
CA PHE C 7 -14.64 2.65 2.14
C PHE C 7 -14.32 2.99 0.69
N ASP C 8 -13.70 2.07 -0.04
CA ASP C 8 -13.23 2.33 -1.41
C ASP C 8 -14.18 1.78 -2.46
N ASP D 1 -6.94 2.88 -16.23
CA ASP D 1 -7.00 3.75 -15.01
C ASP D 1 -5.70 3.90 -14.17
N PHE D 2 -4.58 3.29 -14.57
CA PHE D 2 -3.25 3.70 -14.07
C PHE D 2 -2.44 4.42 -15.14
N GLU D 3 -1.71 5.44 -14.71
CA GLU D 3 -0.77 6.11 -15.60
C GLU D 3 0.54 5.35 -15.66
N ASP D 4 1.45 5.77 -16.53
CA ASP D 4 2.75 5.10 -16.59
C ASP D 4 3.50 5.21 -15.24
N TYR D 5 3.35 6.38 -14.59
CA TYR D 5 3.98 6.67 -13.32
C TYR D 5 3.07 7.54 -12.47
N GLU D 6 3.34 7.58 -11.17
CA GLU D 6 2.63 8.51 -10.29
C GLU D 6 3.59 9.35 -9.49
N PHE D 7 3.40 10.69 -9.58
CA PHE D 7 4.09 11.68 -8.74
C PHE D 7 3.15 12.14 -7.61
N ASP D 8 3.37 11.58 -6.41
CA ASP D 8 2.61 11.94 -5.23
P1 A3P E . -23.47 2.75 19.36
O1P A3P E . -22.55 3.75 18.72
O2P A3P E . -23.55 2.92 20.83
O3P A3P E . -24.81 2.61 18.65
P2 A3P E . -17.84 -0.72 16.18
O4P A3P E . -16.84 -1.04 17.28
O5P A3P E . -17.73 0.68 15.65
O6P A3P E . -17.99 -1.82 15.16
O5' A3P E . -19.31 -0.81 16.91
C5' A3P E . -19.74 0.28 17.76
C4' A3P E . -20.94 -0.15 18.58
O4' A3P E . -20.53 -1.26 19.42
C3' A3P E . -21.49 0.96 19.49
O3' A3P E . -22.82 1.28 19.13
C2' A3P E . -21.37 0.36 20.87
O2' A3P E . -22.38 0.81 21.80
C1' A3P E . -21.29 -1.18 20.59
N9 A3P E . -20.68 -1.71 21.80
C8 A3P E . -19.45 -1.45 22.23
N7 A3P E . -19.24 -1.95 23.46
C5 A3P E . -20.39 -2.53 23.84
C6 A3P E . -20.86 -3.23 25.03
N6 A3P E . -20.03 -3.41 26.09
N1 A3P E . -22.12 -3.70 25.01
C2 A3P E . -22.94 -3.50 23.96
N3 A3P E . -22.58 -2.88 22.85
C4 A3P E . -21.34 -2.37 22.75
MG MG F . -6.11 -12.42 25.30
C1 GOL G . -21.97 -20.67 2.13
O1 GOL G . -21.81 -21.56 1.02
C2 GOL G . -22.14 -21.50 3.38
O2 GOL G . -21.24 -22.57 3.40
C3 GOL G . -21.86 -20.60 4.56
O3 GOL G . -22.60 -19.40 4.49
P1 A3P H . 13.90 10.17 -25.24
O1P A3P H . 14.40 9.45 -26.48
O2P A3P H . 14.21 11.65 -25.20
O3P A3P H . 12.48 9.80 -24.92
P2 A3P H . 13.57 6.57 -18.81
O4P A3P H . 13.95 5.12 -19.07
O5P A3P H . 14.14 7.08 -17.50
O6P A3P H . 12.14 6.92 -18.99
O5' A3P H . 14.43 7.46 -19.88
C5' A3P H . 14.04 7.47 -21.26
C4' A3P H . 15.11 8.10 -22.12
O4' A3P H . 16.24 7.19 -22.06
C3' A3P H . 14.71 8.21 -23.61
O3' A3P H . 14.82 9.56 -24.05
C2' A3P H . 15.71 7.27 -24.26
O2' A3P H . 16.07 7.60 -25.63
C1' A3P H . 16.90 7.18 -23.26
N9 A3P H . 17.61 5.97 -23.67
C8 A3P H . 17.09 4.72 -23.65
N7 A3P H . 17.91 3.84 -24.23
C5 A3P H . 18.97 4.56 -24.66
C6 A3P H . 20.20 4.24 -25.41
N6 A3P H . 20.40 2.96 -25.79
N1 A3P H . 21.04 5.28 -25.65
C2 A3P H . 20.75 6.54 -25.23
N3 A3P H . 19.65 6.93 -24.57
C4 A3P H . 18.75 5.97 -24.30
MG MG I . 22.92 -9.48 -15.34
ZN ZN J . 28.12 -3.17 -29.32
#